data_6XI6
#
_entry.id   6XI6
#
_cell.length_a   101.970
_cell.length_b   101.970
_cell.length_c   78.444
_cell.angle_alpha   90.000
_cell.angle_beta   90.000
_cell.angle_gamma   120.000
#
_symmetry.space_group_name_H-M   'H 3'
#
loop_
_entity.id
_entity.type
_entity.pdbx_description
1 polymer 'helical fusion design'
2 water water
#
_entity_poly.entity_id   1
_entity_poly.type   'polypeptide(L)'
_entity_poly.pdbx_seq_one_letter_code
;GKELEIVARLQQLNIELARKLLEAVARLQELNIDLVRKTSELTDEKTIREEIRKVKEESKRIVEEAEQEIRKAEAESLRL
TAEAAADAARKAALRMGDERVRRLAAELVRLAQEAAEEATRDPNSSDQNEALRLIILAIEAAVRALDKAIEKGDPEDRER
AREMVRAAVRAAELVQRYPSASAANEALKALVAAIDEGDKDAARCAEELVEQAEEALRKKNPEEARAVYEAARDVLEALQ
RLEEAKRRGDEEERREAEERLRQACERARKKN
;
_entity_poly.pdbx_strand_id   A
#
# COMPACT_ATOMS: atom_id res chain seq x y z
N GLY A 1 -18.24 -4.11 16.28
CA GLY A 1 -17.21 -3.36 16.99
C GLY A 1 -16.60 -2.26 16.16
N LYS A 2 -15.26 -2.24 16.09
CA LYS A 2 -14.57 -1.22 15.33
C LYS A 2 -14.72 -1.42 13.82
N GLU A 3 -14.98 -2.65 13.37
CA GLU A 3 -15.14 -2.89 11.94
C GLU A 3 -16.33 -2.12 11.38
N LEU A 4 -17.45 -2.08 12.13
CA LEU A 4 -18.61 -1.36 11.66
C LEU A 4 -18.38 0.15 11.67
N GLU A 5 -17.53 0.64 12.58
CA GLU A 5 -17.24 2.07 12.62
C GLU A 5 -16.50 2.52 11.36
N ILE A 6 -15.54 1.72 10.89
CA ILE A 6 -14.75 2.10 9.72
C ILE A 6 -15.63 2.09 8.47
N VAL A 7 -16.51 1.09 8.35
CA VAL A 7 -17.39 1.02 7.19
C VAL A 7 -18.33 2.22 7.16
N ALA A 8 -18.76 2.69 8.33
CA ALA A 8 -19.62 3.87 8.39
C ALA A 8 -18.87 5.11 7.93
N ARG A 9 -17.60 5.25 8.35
CA ARG A 9 -16.83 6.42 7.96
C ARG A 9 -16.40 6.36 6.50
N LEU A 10 -16.02 5.16 6.03
CA LEU A 10 -15.64 5.03 4.62
C LEU A 10 -16.82 5.27 3.69
N GLN A 11 -18.04 4.92 4.13
CA GLN A 11 -19.21 5.17 3.31
C GLN A 11 -19.54 6.67 3.25
N GLN A 12 -19.28 7.40 4.34
CA GLN A 12 -19.46 8.84 4.31
C GLN A 12 -18.52 9.50 3.32
N LEU A 13 -17.29 8.96 3.19
CA LEU A 13 -16.35 9.50 2.22
C LEU A 13 -16.84 9.27 0.79
N ASN A 14 -17.40 8.09 0.52
CA ASN A 14 -17.89 7.78 -0.82
C ASN A 14 -19.06 8.67 -1.20
N ILE A 15 -20.00 8.89 -0.28
CA ILE A 15 -21.12 9.77 -0.54
C ILE A 15 -20.65 11.20 -0.74
N GLU A 16 -19.71 11.65 0.10
CA GLU A 16 -19.18 13.01 -0.02
C GLU A 16 -18.37 13.17 -1.29
N LEU A 17 -17.58 12.16 -1.66
CA LEU A 17 -16.78 12.25 -2.88
C LEU A 17 -17.68 12.28 -4.11
N ALA A 18 -18.73 11.45 -4.12
CA ALA A 18 -19.69 11.50 -5.23
C ALA A 18 -20.45 12.82 -5.25
N ARG A 19 -20.66 13.42 -4.08
CA ARG A 19 -21.33 14.73 -4.03
C ARG A 19 -20.46 15.81 -4.66
N LYS A 20 -19.14 15.75 -4.43
CA LYS A 20 -18.24 16.75 -4.99
C LYS A 20 -17.97 16.51 -6.48
N LEU A 21 -17.99 15.25 -6.92
CA LEU A 21 -17.83 14.98 -8.34
C LEU A 21 -18.99 15.57 -9.14
N LEU A 22 -20.21 15.43 -8.64
CA LEU A 22 -21.35 16.05 -9.29
C LEU A 22 -21.28 17.58 -9.24
N GLU A 23 -20.71 18.12 -8.15
CA GLU A 23 -20.54 19.57 -8.06
C GLU A 23 -19.63 20.08 -9.18
N ALA A 24 -18.57 19.33 -9.49
CA ALA A 24 -17.70 19.72 -10.59
C ALA A 24 -18.40 19.58 -11.93
N VAL A 25 -19.16 18.49 -12.12
CA VAL A 25 -19.89 18.30 -13.36
C VAL A 25 -20.91 19.41 -13.55
N ALA A 26 -21.58 19.82 -12.47
CA ALA A 26 -22.58 20.87 -12.58
C ALA A 26 -21.95 22.21 -12.95
N ARG A 27 -20.77 22.50 -12.40
CA ARG A 27 -20.11 23.77 -12.69
C ARG A 27 -19.57 23.79 -14.12
N LEU A 28 -18.99 22.67 -14.57
CA LEU A 28 -18.50 22.60 -15.94
C LEU A 28 -19.63 22.76 -16.95
N GLN A 29 -20.83 22.27 -16.62
CA GLN A 29 -21.96 22.41 -17.52
C GLN A 29 -22.43 23.85 -17.61
N GLU A 30 -22.42 24.57 -16.47
CA GLU A 30 -22.82 25.98 -16.49
C GLU A 30 -21.89 26.81 -17.36
N LEU A 31 -20.58 26.49 -17.34
CA LEU A 31 -19.62 27.23 -18.14
C LEU A 31 -19.84 26.98 -19.63
N ASN A 32 -20.17 25.75 -20.00
CA ASN A 32 -20.39 25.42 -21.41
C ASN A 32 -21.60 26.16 -21.96
N ILE A 33 -22.71 26.17 -21.22
CA ILE A 33 -23.92 26.82 -21.69
C ILE A 33 -23.72 28.33 -21.75
N ASP A 34 -23.02 28.90 -20.76
CA ASP A 34 -22.74 30.33 -20.80
C ASP A 34 -21.82 30.69 -21.95
N LEU A 35 -20.88 29.80 -22.29
CA LEU A 35 -19.96 30.08 -23.39
C LEU A 35 -20.66 30.01 -24.74
N VAL A 36 -21.53 29.01 -24.92
CA VAL A 36 -22.29 28.89 -26.16
C VAL A 36 -23.20 30.09 -26.35
N ARG A 37 -23.76 30.62 -25.25
CA ARG A 37 -24.61 31.80 -25.33
C ARG A 37 -23.82 33.03 -25.76
N LYS A 38 -22.65 33.24 -25.16
CA LYS A 38 -21.86 34.42 -25.50
C LYS A 38 -21.22 34.30 -26.88
N THR A 39 -20.88 33.09 -27.31
CA THR A 39 -20.30 32.91 -28.63
C THR A 39 -21.30 33.20 -29.73
N SER A 40 -22.59 32.92 -29.50
CA SER A 40 -23.60 33.13 -30.52
C SER A 40 -24.07 34.58 -30.58
N GLU A 41 -23.96 35.32 -29.48
CA GLU A 41 -24.43 36.70 -29.44
C GLU A 41 -23.36 37.68 -29.87
N LEU A 42 -22.15 37.54 -29.34
CA LEU A 42 -21.08 38.49 -29.61
C LEU A 42 -20.52 38.31 -31.02
N THR A 43 -20.02 39.42 -31.59
CA THR A 43 -19.42 39.41 -32.91
C THR A 43 -17.94 39.72 -32.90
N ASP A 44 -17.42 40.33 -31.83
CA ASP A 44 -16.00 40.66 -31.76
C ASP A 44 -15.19 39.39 -31.50
N GLU A 45 -14.30 39.05 -32.44
CA GLU A 45 -13.49 37.85 -32.30
C GLU A 45 -12.56 37.95 -31.09
N LYS A 46 -12.07 39.15 -30.76
CA LYS A 46 -11.17 39.31 -29.64
C LYS A 46 -11.86 38.97 -28.33
N THR A 47 -13.11 39.41 -28.15
CA THR A 47 -13.83 39.12 -26.92
C THR A 47 -14.23 37.65 -26.83
N ILE A 48 -14.59 37.06 -27.98
CA ILE A 48 -14.99 35.65 -27.99
C ILE A 48 -13.84 34.75 -27.57
N ARG A 49 -12.63 35.04 -28.08
CA ARG A 49 -11.48 34.21 -27.73
C ARG A 49 -11.13 34.33 -26.25
N GLU A 50 -11.27 35.52 -25.67
CA GLU A 50 -10.97 35.68 -24.25
C GLU A 50 -12.02 35.00 -23.38
N GLU A 51 -13.28 35.01 -23.82
CA GLU A 51 -14.31 34.26 -23.10
C GLU A 51 -14.04 32.77 -23.15
N ILE A 52 -13.43 32.28 -24.24
CA ILE A 52 -13.13 30.86 -24.35
C ILE A 52 -11.95 30.48 -23.46
N ARG A 53 -10.93 31.32 -23.42
CA ARG A 53 -9.73 30.99 -22.65
C ARG A 53 -10.01 31.00 -21.16
N LYS A 54 -10.84 31.94 -20.69
CA LYS A 54 -11.16 31.98 -19.27
C LYS A 54 -12.01 30.78 -18.86
N VAL A 55 -12.80 30.23 -19.78
CA VAL A 55 -13.56 29.02 -19.49
C VAL A 55 -12.63 27.80 -19.47
N LYS A 56 -11.69 27.75 -20.41
CA LYS A 56 -10.73 26.65 -20.43
C LYS A 56 -9.82 26.69 -19.21
N GLU A 57 -9.47 27.89 -18.73
CA GLU A 57 -8.67 28.00 -17.53
C GLU A 57 -9.47 27.60 -16.29
N GLU A 58 -10.74 28.02 -16.23
CA GLU A 58 -11.57 27.68 -15.08
C GLU A 58 -11.92 26.19 -15.10
N SER A 59 -12.21 25.64 -16.28
CA SER A 59 -12.52 24.22 -16.37
C SER A 59 -11.32 23.37 -15.95
N LYS A 60 -10.11 23.78 -16.33
CA LYS A 60 -8.92 23.06 -15.91
C LYS A 60 -8.71 23.18 -14.40
N ARG A 61 -9.13 24.28 -13.80
CA ARG A 61 -9.03 24.44 -12.35
C ARG A 61 -10.09 23.61 -11.64
N ILE A 62 -11.28 23.49 -12.23
CA ILE A 62 -12.33 22.66 -11.63
C ILE A 62 -11.91 21.21 -11.58
N VAL A 63 -11.28 20.72 -12.66
CA VAL A 63 -10.84 19.33 -12.69
C VAL A 63 -9.72 19.09 -11.69
N GLU A 64 -8.80 20.05 -11.56
CA GLU A 64 -7.68 19.89 -10.65
C GLU A 64 -8.15 19.84 -9.19
N GLU A 65 -9.11 20.69 -8.83
CA GLU A 65 -9.65 20.65 -7.47
C GLU A 65 -10.39 19.36 -7.20
N ALA A 66 -11.00 18.76 -8.23
CA ALA A 66 -11.67 17.48 -8.05
C ALA A 66 -10.66 16.35 -7.89
N GLU A 67 -9.52 16.43 -8.59
CA GLU A 67 -8.45 15.48 -8.36
C GLU A 67 -7.88 15.62 -6.95
N GLN A 68 -7.92 16.83 -6.40
CA GLN A 68 -7.43 17.05 -5.04
C GLN A 68 -8.37 16.42 -4.01
N GLU A 69 -9.68 16.55 -4.23
CA GLU A 69 -10.64 15.95 -3.31
C GLU A 69 -10.56 14.42 -3.34
N ILE A 70 -10.38 13.84 -4.54
CA ILE A 70 -10.14 12.40 -4.62
C ILE A 70 -8.82 12.05 -3.95
N ARG A 71 -7.83 12.94 -4.04
CA ARG A 71 -6.55 12.70 -3.38
C ARG A 71 -6.71 12.71 -1.87
N LYS A 72 -7.46 13.66 -1.33
CA LYS A 72 -7.67 13.73 0.11
C LYS A 72 -8.60 12.62 0.60
N ALA A 73 -9.56 12.21 -0.22
CA ALA A 73 -10.44 11.12 0.17
C ALA A 73 -9.70 9.79 0.22
N GLU A 74 -8.69 9.63 -0.64
CA GLU A 74 -7.92 8.38 -0.63
C GLU A 74 -7.04 8.28 0.61
N ALA A 75 -6.40 9.38 1.00
CA ALA A 75 -5.56 9.36 2.20
C ALA A 75 -6.39 9.13 3.46
N GLU A 76 -7.57 9.74 3.52
CA GLU A 76 -8.45 9.51 4.67
C GLU A 76 -8.92 8.07 4.72
N SER A 77 -9.13 7.44 3.57
CA SER A 77 -9.51 6.03 3.54
C SER A 77 -8.35 5.15 3.97
N LEU A 78 -7.14 5.44 3.49
CA LEU A 78 -5.96 4.66 3.87
C LEU A 78 -5.64 4.85 5.35
N ARG A 79 -5.95 6.00 5.92
CA ARG A 79 -5.72 6.21 7.34
C ARG A 79 -6.66 5.36 8.19
N LEU A 80 -7.92 5.26 7.77
CA LEU A 80 -8.88 4.45 8.52
C LEU A 80 -8.55 2.96 8.41
N THR A 81 -8.12 2.52 7.23
CA THR A 81 -7.78 1.11 7.07
C THR A 81 -6.52 0.75 7.85
N ALA A 82 -5.54 1.65 7.88
CA ALA A 82 -4.31 1.37 8.61
C ALA A 82 -4.57 1.26 10.11
N GLU A 83 -5.37 2.18 10.67
CA GLU A 83 -5.67 2.11 12.10
C GLU A 83 -6.50 0.88 12.43
N ALA A 84 -7.44 0.51 11.56
CA ALA A 84 -8.23 -0.69 11.80
C ALA A 84 -7.37 -1.95 11.73
N ALA A 85 -6.40 -1.98 10.83
CA ALA A 85 -5.52 -3.14 10.72
C ALA A 85 -4.57 -3.22 11.92
N ALA A 86 -4.07 -2.08 12.38
CA ALA A 86 -3.19 -2.07 13.55
C ALA A 86 -3.96 -2.46 14.81
N ASP A 87 -5.23 -2.04 14.91
CA ASP A 87 -6.06 -2.45 16.04
C ASP A 87 -6.29 -3.96 16.02
N ALA A 88 -6.40 -4.55 14.83
CA ALA A 88 -6.54 -5.99 14.74
C ALA A 88 -5.23 -6.71 15.07
N ALA A 89 -4.10 -6.03 14.88
CA ALA A 89 -2.81 -6.66 15.14
C ALA A 89 -2.54 -6.77 16.64
N ARG A 90 -2.94 -5.76 17.42
CA ARG A 90 -2.65 -5.78 18.85
C ARG A 90 -3.52 -6.81 19.58
N LYS A 91 -4.77 -6.96 19.14
CA LYS A 91 -5.66 -7.92 19.81
C LYS A 91 -5.25 -9.35 19.50
N ALA A 92 -4.77 -9.61 18.28
CA ALA A 92 -4.27 -10.94 17.95
C ALA A 92 -3.00 -11.25 18.72
N ALA A 93 -2.17 -10.24 18.97
CA ALA A 93 -0.99 -10.45 19.80
C ALA A 93 -1.35 -10.73 21.25
N LEU A 94 -2.46 -10.17 21.73
CA LEU A 94 -2.94 -10.48 23.06
C LEU A 94 -3.43 -11.93 23.14
N ARG A 95 -4.10 -12.41 22.08
CA ARG A 95 -4.59 -13.78 22.07
C ARG A 95 -3.48 -14.81 21.94
N MET A 96 -2.26 -14.39 21.61
CA MET A 96 -1.13 -15.32 21.61
C MET A 96 -0.57 -15.53 23.02
N GLY A 97 -0.26 -14.44 23.71
CA GLY A 97 0.23 -14.49 25.07
C GLY A 97 1.65 -14.00 25.24
N ASP A 98 2.46 -14.04 24.20
CA ASP A 98 3.86 -13.60 24.30
C ASP A 98 3.92 -12.10 24.49
N GLU A 99 4.56 -11.66 25.57
CA GLU A 99 4.77 -10.23 25.77
C GLU A 99 5.73 -9.67 24.72
N ARG A 100 6.60 -10.52 24.16
CA ARG A 100 7.52 -10.06 23.13
C ARG A 100 6.78 -9.75 21.84
N VAL A 101 5.83 -10.60 21.45
CA VAL A 101 5.03 -10.31 20.26
C VAL A 101 4.05 -9.18 20.51
N ARG A 102 3.72 -8.91 21.77
CA ARG A 102 2.90 -7.74 22.09
C ARG A 102 3.70 -6.45 21.92
N ARG A 103 4.99 -6.48 22.23
CA ARG A 103 5.84 -5.32 21.96
C ARG A 103 6.06 -5.13 20.47
N LEU A 104 6.13 -6.23 19.72
CA LEU A 104 6.26 -6.11 18.26
C LEU A 104 5.00 -5.54 17.65
N ALA A 105 3.83 -6.02 18.08
CA ALA A 105 2.57 -5.49 17.55
C ALA A 105 2.34 -4.05 18.00
N ALA A 106 2.87 -3.68 19.17
CA ALA A 106 2.74 -2.30 19.63
C ALA A 106 3.47 -1.33 18.73
N GLU A 107 4.57 -1.77 18.10
CA GLU A 107 5.29 -0.90 17.18
C GLU A 107 4.53 -0.72 15.88
N LEU A 108 3.85 -1.77 15.40
CA LEU A 108 3.04 -1.65 14.20
C LEU A 108 1.95 -0.60 14.38
N VAL A 109 1.35 -0.53 15.58
CA VAL A 109 0.38 0.51 15.86
C VAL A 109 1.03 1.88 15.78
N ARG A 110 2.27 2.00 16.27
CA ARG A 110 2.98 3.26 16.17
C ARG A 110 3.44 3.53 14.74
N LEU A 111 3.81 2.47 13.99
CA LEU A 111 4.22 2.66 12.61
C LEU A 111 3.03 3.01 11.72
N ALA A 112 1.87 2.37 11.96
CA ALA A 112 0.69 2.67 11.16
C ALA A 112 0.16 4.07 11.46
N GLN A 113 0.25 4.50 12.72
CA GLN A 113 -0.23 5.84 13.08
C GLN A 113 0.63 6.93 12.44
N GLU A 114 1.96 6.78 12.54
CA GLU A 114 2.84 7.82 12.04
C GLU A 114 2.81 7.90 10.52
N ALA A 115 2.73 6.75 9.84
CA ALA A 115 2.73 6.75 8.38
C ALA A 115 1.41 7.28 7.84
N ALA A 116 0.29 6.95 8.50
CA ALA A 116 -1.00 7.43 8.04
C ALA A 116 -1.21 8.91 8.36
N GLU A 117 -0.57 9.40 9.42
CA GLU A 117 -0.68 10.81 9.76
C GLU A 117 0.08 11.68 8.77
N GLU A 118 1.22 11.19 8.26
CA GLU A 118 2.00 11.96 7.31
C GLU A 118 1.38 11.94 5.92
N ALA A 119 0.63 10.89 5.59
CA ALA A 119 -0.04 10.83 4.29
C ALA A 119 -1.22 11.79 4.24
N THR A 120 -1.94 11.93 5.36
CA THR A 120 -3.07 12.85 5.41
C THR A 120 -2.62 14.30 5.49
N ARG A 121 -1.36 14.56 5.84
CA ARG A 121 -0.86 15.93 5.90
C ARG A 121 -0.68 16.50 4.50
N ASP A 122 -0.19 15.68 3.56
CA ASP A 122 -0.01 16.10 2.17
C ASP A 122 -0.33 14.91 1.28
N PRO A 123 -1.60 14.71 0.94
CA PRO A 123 -1.99 13.56 0.12
C PRO A 123 -1.48 13.64 -1.32
N ASN A 124 -1.01 14.80 -1.78
CA ASN A 124 -0.49 14.91 -3.13
C ASN A 124 0.80 14.10 -3.33
N SER A 125 1.47 13.72 -2.24
CA SER A 125 2.67 12.91 -2.34
C SER A 125 2.29 11.48 -2.70
N SER A 126 2.82 10.98 -3.82
CA SER A 126 2.53 9.62 -4.25
C SER A 126 3.37 8.59 -3.52
N ASP A 127 4.53 8.97 -3.00
CA ASP A 127 5.38 8.02 -2.28
C ASP A 127 4.81 7.73 -0.90
N GLN A 128 4.37 8.76 -0.18
CA GLN A 128 3.76 8.54 1.12
C GLN A 128 2.45 7.78 1.00
N ASN A 129 1.76 7.93 -0.13
CA ASN A 129 0.51 7.19 -0.32
C ASN A 129 0.78 5.71 -0.60
N GLU A 130 1.80 5.42 -1.41
CA GLU A 130 2.10 4.03 -1.74
C GLU A 130 2.80 3.32 -0.58
N ALA A 131 3.65 4.04 0.16
CA ALA A 131 4.32 3.43 1.31
C ALA A 131 3.30 3.04 2.38
N LEU A 132 2.24 3.84 2.53
CA LEU A 132 1.19 3.49 3.48
C LEU A 132 0.41 2.27 3.02
N ARG A 133 0.27 2.09 1.71
CA ARG A 133 -0.44 0.91 1.19
C ARG A 133 0.30 -0.36 1.55
N LEU A 134 1.62 -0.38 1.37
CA LEU A 134 2.39 -1.59 1.65
C LEU A 134 2.48 -1.86 3.15
N ILE A 135 2.52 -0.81 3.97
CA ILE A 135 2.48 -1.00 5.42
C ILE A 135 1.16 -1.64 5.84
N ILE A 136 0.07 -1.24 5.19
CA ILE A 136 -1.21 -1.88 5.44
C ILE A 136 -1.17 -3.35 5.04
N LEU A 137 -0.60 -3.64 3.87
CA LEU A 137 -0.47 -5.02 3.43
C LEU A 137 0.46 -5.82 4.34
N ALA A 138 1.48 -5.16 4.92
CA ALA A 138 2.36 -5.85 5.85
C ALA A 138 1.63 -6.20 7.14
N ILE A 139 0.82 -5.27 7.65
CA ILE A 139 0.06 -5.54 8.87
C ILE A 139 -0.97 -6.64 8.63
N GLU A 140 -1.63 -6.61 7.46
CA GLU A 140 -2.59 -7.65 7.14
C GLU A 140 -1.94 -9.02 7.10
N ALA A 141 -0.75 -9.10 6.51
CA ALA A 141 -0.02 -10.37 6.51
C ALA A 141 0.39 -10.77 7.93
N ALA A 142 0.70 -9.79 8.79
CA ALA A 142 1.03 -10.11 10.17
C ALA A 142 -0.19 -10.59 10.93
N VAL A 143 -1.36 -10.01 10.64
CA VAL A 143 -2.59 -10.44 11.30
C VAL A 143 -2.96 -11.85 10.86
N ARG A 144 -2.83 -12.14 9.56
CA ARG A 144 -3.13 -13.47 9.07
C ARG A 144 -2.20 -14.52 9.67
N ALA A 145 -0.95 -14.14 9.95
CA ALA A 145 -0.03 -15.07 10.59
C ALA A 145 -0.36 -15.26 12.05
N LEU A 146 -0.81 -14.20 12.72
CA LEU A 146 -1.16 -14.31 14.14
C LEU A 146 -2.43 -15.12 14.34
N ASP A 147 -3.41 -14.95 13.45
CA ASP A 147 -4.64 -15.72 13.58
C ASP A 147 -4.42 -17.20 13.33
N LYS A 148 -3.47 -17.55 12.46
CA LYS A 148 -3.17 -18.95 12.21
C LYS A 148 -2.42 -19.58 13.38
N ALA A 149 -1.67 -18.77 14.14
CA ALA A 149 -0.88 -19.32 15.23
C ALA A 149 -1.76 -19.75 16.41
N ILE A 150 -2.93 -19.15 16.57
CA ILE A 150 -3.82 -19.47 17.68
C ILE A 150 -4.90 -20.47 17.27
N GLU A 151 -4.74 -21.13 16.13
CA GLU A 151 -5.74 -22.10 15.69
C GLU A 151 -5.55 -23.44 16.42
N LYS A 152 -4.40 -24.07 16.23
CA LYS A 152 -4.12 -25.37 16.82
C LYS A 152 -3.06 -25.31 17.91
N GLY A 153 -2.46 -24.15 18.16
CA GLY A 153 -1.40 -24.07 19.14
C GLY A 153 -0.11 -24.74 18.74
N ASP A 154 0.13 -24.91 17.44
CA ASP A 154 1.34 -25.53 16.96
C ASP A 154 2.55 -24.65 17.29
N PRO A 155 3.54 -25.16 18.02
CA PRO A 155 4.68 -24.31 18.38
C PRO A 155 5.44 -23.76 17.19
N GLU A 156 5.47 -24.48 16.06
CA GLU A 156 6.11 -23.95 14.87
C GLU A 156 5.31 -22.79 14.29
N ASP A 157 3.97 -22.88 14.34
CA ASP A 157 3.14 -21.79 13.83
C ASP A 157 3.26 -20.54 14.70
N ARG A 158 3.38 -20.72 16.01
CA ARG A 158 3.50 -19.58 16.91
C ARG A 158 4.83 -18.87 16.71
N GLU A 159 5.92 -19.62 16.50
CA GLU A 159 7.19 -19.01 16.19
C GLU A 159 7.22 -18.48 14.76
N ARG A 160 6.49 -19.14 13.85
CA ARG A 160 6.35 -18.61 12.50
C ARG A 160 5.70 -17.24 12.51
N ALA A 161 4.75 -17.03 13.42
CA ALA A 161 4.09 -15.73 13.52
C ALA A 161 5.02 -14.68 14.11
N ARG A 162 5.82 -15.05 15.10
CA ARG A 162 6.73 -14.09 15.71
C ARG A 162 7.79 -13.62 14.73
N GLU A 163 8.36 -14.55 13.95
CA GLU A 163 9.42 -14.18 13.02
C GLU A 163 8.92 -13.26 11.91
N MET A 164 7.67 -13.46 11.48
CA MET A 164 7.13 -12.69 10.37
C MET A 164 6.44 -11.40 10.81
N VAL A 165 5.98 -11.33 12.07
CA VAL A 165 5.50 -10.05 12.58
C VAL A 165 6.67 -9.11 12.83
N ARG A 166 7.77 -9.62 13.39
CA ARG A 166 8.96 -8.81 13.56
C ARG A 166 9.54 -8.39 12.20
N ALA A 167 9.49 -9.30 11.22
CA ALA A 167 9.95 -8.97 9.88
C ALA A 167 9.04 -7.93 9.23
N ALA A 168 7.74 -7.96 9.54
CA ALA A 168 6.84 -6.93 9.03
C ALA A 168 7.18 -5.57 9.62
N VAL A 169 7.56 -5.53 10.89
CA VAL A 169 8.02 -4.28 11.50
C VAL A 169 9.30 -3.80 10.83
N ARG A 170 10.19 -4.75 10.50
CA ARG A 170 11.42 -4.40 9.80
C ARG A 170 11.13 -3.82 8.42
N ALA A 171 10.26 -4.48 7.66
CA ALA A 171 9.83 -3.99 6.35
C ALA A 171 8.64 -3.05 6.52
N ALA A 172 8.84 -2.01 7.33
CA ALA A 172 7.84 -0.98 7.54
C ALA A 172 8.54 0.32 7.96
N GLU A 173 9.47 0.21 8.91
CA GLU A 173 10.34 1.33 9.22
C GLU A 173 11.24 1.67 8.03
N LEU A 174 11.53 0.68 7.19
CA LEU A 174 12.40 0.91 6.03
C LEU A 174 11.69 1.75 4.97
N VAL A 175 10.46 1.36 4.61
CA VAL A 175 9.71 2.13 3.63
C VAL A 175 9.20 3.43 4.23
N GLN A 176 9.16 3.55 5.55
CA GLN A 176 8.76 4.81 6.18
C GLN A 176 9.84 5.86 6.03
N ARG A 177 11.10 5.48 6.23
CA ARG A 177 12.20 6.42 6.11
C ARG A 177 12.63 6.64 4.67
N TYR A 178 12.31 5.71 3.76
CA TYR A 178 12.67 5.83 2.34
C TYR A 178 11.44 5.48 1.51
N PRO A 179 10.48 6.40 1.41
CA PRO A 179 9.27 6.09 0.62
C PRO A 179 9.54 5.98 -0.87
N SER A 180 10.45 6.80 -1.41
CA SER A 180 10.76 6.81 -2.83
C SER A 180 11.73 5.71 -3.23
N ALA A 181 11.99 4.74 -2.36
CA ALA A 181 12.95 3.68 -2.64
C ALA A 181 12.24 2.51 -3.29
N SER A 182 12.67 2.15 -4.51
CA SER A 182 12.08 1.02 -5.21
C SER A 182 12.56 -0.31 -4.65
N ALA A 183 13.78 -0.35 -4.10
CA ALA A 183 14.30 -1.59 -3.54
C ALA A 183 13.55 -1.98 -2.28
N ALA A 184 13.35 -1.02 -1.37
CA ALA A 184 12.57 -1.29 -0.17
C ALA A 184 11.10 -1.51 -0.49
N ASN A 185 10.61 -0.90 -1.57
CA ASN A 185 9.21 -1.09 -1.97
C ASN A 185 8.95 -2.51 -2.43
N GLU A 186 9.94 -3.15 -3.08
CA GLU A 186 9.78 -4.49 -3.63
C GLU A 186 10.10 -5.57 -2.61
N ALA A 187 11.07 -5.34 -1.74
CA ALA A 187 11.40 -6.33 -0.71
C ALA A 187 10.26 -6.50 0.28
N LEU A 188 9.47 -5.45 0.51
CA LEU A 188 8.30 -5.57 1.37
C LEU A 188 7.26 -6.49 0.76
N LYS A 189 6.93 -6.26 -0.52
CA LYS A 189 5.92 -7.09 -1.18
C LYS A 189 6.37 -8.54 -1.28
N ALA A 190 7.67 -8.77 -1.44
CA ALA A 190 8.18 -10.14 -1.45
C ALA A 190 7.98 -10.81 -0.10
N LEU A 191 8.03 -10.04 0.99
CA LEU A 191 7.81 -10.61 2.31
C LEU A 191 6.33 -10.93 2.53
N VAL A 192 5.44 -10.05 2.06
CA VAL A 192 4.01 -10.30 2.20
C VAL A 192 3.61 -11.58 1.48
N ALA A 193 4.16 -11.81 0.29
CA ALA A 193 3.90 -13.05 -0.41
C ALA A 193 4.58 -14.23 0.26
N ALA A 194 5.71 -14.00 0.93
CA ALA A 194 6.41 -15.07 1.63
C ALA A 194 5.73 -15.41 2.96
N ILE A 195 5.02 -14.44 3.56
CA ILE A 195 4.30 -14.72 4.80
C ILE A 195 3.10 -15.62 4.54
N ASP A 196 2.34 -15.31 3.48
CA ASP A 196 1.15 -16.10 3.17
C ASP A 196 1.51 -17.51 2.73
N GLU A 197 2.69 -17.70 2.14
CA GLU A 197 3.10 -19.03 1.72
C GLU A 197 3.43 -19.92 2.92
N GLY A 198 4.02 -19.35 3.96
CA GLY A 198 4.39 -20.10 5.13
C GLY A 198 5.69 -20.88 5.01
N ASP A 199 6.44 -20.66 3.93
CA ASP A 199 7.70 -21.36 3.73
C ASP A 199 8.81 -20.72 4.57
N LYS A 200 9.54 -21.54 5.31
CA LYS A 200 10.64 -21.03 6.11
C LYS A 200 11.76 -20.49 5.22
N ASP A 201 12.01 -21.14 4.08
CA ASP A 201 13.04 -20.67 3.17
C ASP A 201 12.64 -19.37 2.50
N ALA A 202 11.35 -19.16 2.24
CA ALA A 202 10.89 -17.94 1.61
C ALA A 202 10.88 -16.76 2.58
N ALA A 203 10.68 -17.02 3.87
CA ALA A 203 10.65 -15.93 4.85
C ALA A 203 12.04 -15.39 5.11
N ARG A 204 13.01 -16.29 5.33
CA ARG A 204 14.39 -15.87 5.54
C ARG A 204 15.01 -15.28 4.29
N CYS A 205 14.52 -15.65 3.10
CA CYS A 205 15.05 -15.09 1.87
C CYS A 205 14.51 -13.68 1.62
N ALA A 206 13.23 -13.45 1.93
CA ALA A 206 12.66 -12.12 1.75
C ALA A 206 13.24 -11.13 2.76
N GLU A 207 13.46 -11.57 4.00
CA GLU A 207 14.03 -10.67 5.00
C GLU A 207 15.49 -10.33 4.68
N GLU A 208 16.23 -11.28 4.09
CA GLU A 208 17.60 -10.98 3.67
C GLU A 208 17.63 -9.90 2.60
N LEU A 209 16.63 -9.90 1.71
CA LEU A 209 16.52 -8.84 0.73
C LEU A 209 16.16 -7.51 1.38
N VAL A 210 15.40 -7.55 2.48
CA VAL A 210 15.09 -6.32 3.22
C VAL A 210 16.35 -5.74 3.85
N GLU A 211 17.21 -6.61 4.40
CA GLU A 211 18.45 -6.13 5.00
C GLU A 211 19.44 -5.67 3.92
N GLN A 212 19.44 -6.34 2.78
CA GLN A 212 20.29 -5.89 1.67
C GLN A 212 19.86 -4.52 1.17
N ALA A 213 18.55 -4.32 1.03
CA ALA A 213 18.06 -2.99 0.64
C ALA A 213 18.25 -1.98 1.75
N GLU A 214 18.26 -2.43 3.01
CA GLU A 214 18.49 -1.52 4.12
C GLU A 214 19.93 -1.02 4.14
N GLU A 215 20.90 -1.92 3.94
CA GLU A 215 22.29 -1.52 3.92
C GLU A 215 22.61 -0.70 2.66
N ALA A 216 22.01 -1.06 1.53
CA ALA A 216 22.20 -0.27 0.31
C ALA A 216 21.61 1.13 0.47
N LEU A 217 20.58 1.28 1.30
CA LEU A 217 20.00 2.58 1.56
C LEU A 217 20.66 3.31 2.73
N ARG A 218 21.46 2.61 3.54
CA ARG A 218 22.30 3.29 4.52
C ARG A 218 23.20 4.31 3.82
N LYS A 219 24.01 3.84 2.88
CA LYS A 219 24.76 4.71 2.00
C LYS A 219 23.85 5.21 0.88
N LYS A 220 24.43 5.77 -0.17
CA LYS A 220 23.66 6.30 -1.29
C LYS A 220 24.23 5.81 -2.61
N ASN A 221 24.48 4.50 -2.68
CA ASN A 221 24.94 3.87 -3.92
C ASN A 221 23.73 3.47 -4.74
N PRO A 222 23.42 4.16 -5.84
CA PRO A 222 22.21 3.80 -6.60
C PRO A 222 22.32 2.47 -7.32
N GLU A 223 23.51 2.08 -7.77
CA GLU A 223 23.68 0.79 -8.41
C GLU A 223 23.50 -0.35 -7.41
N GLU A 224 23.74 -0.09 -6.12
CA GLU A 224 23.54 -1.12 -5.11
C GLU A 224 22.06 -1.33 -4.84
N ALA A 225 21.27 -0.26 -4.84
CA ALA A 225 19.84 -0.39 -4.57
C ALA A 225 19.13 -1.07 -5.73
N ARG A 226 19.54 -0.79 -6.96
CA ARG A 226 18.89 -1.41 -8.12
C ARG A 226 19.15 -2.91 -8.17
N ALA A 227 20.29 -3.36 -7.64
CA ALA A 227 20.58 -4.79 -7.65
C ALA A 227 19.66 -5.55 -6.69
N VAL A 228 19.31 -4.93 -5.56
CA VAL A 228 18.41 -5.58 -4.61
C VAL A 228 16.99 -5.63 -5.17
N TYR A 229 16.59 -4.59 -5.90
CA TYR A 229 15.25 -4.58 -6.48
C TYR A 229 15.07 -5.70 -7.49
N GLU A 230 16.04 -5.86 -8.40
CA GLU A 230 15.97 -6.94 -9.38
C GLU A 230 16.00 -8.30 -8.69
N ALA A 231 16.73 -8.43 -7.59
CA ALA A 231 16.73 -9.68 -6.84
C ALA A 231 15.39 -9.89 -6.13
N ALA A 232 14.79 -8.82 -5.61
CA ALA A 232 13.51 -8.93 -4.94
C ALA A 232 12.36 -9.05 -5.93
N ARG A 233 12.54 -8.54 -7.15
CA ARG A 233 11.47 -8.63 -8.15
C ARG A 233 11.24 -10.08 -8.56
N ASP A 234 12.31 -10.80 -8.88
CA ASP A 234 12.16 -12.20 -9.29
C ASP A 234 11.67 -13.08 -8.16
N VAL A 235 12.04 -12.75 -6.92
CA VAL A 235 11.55 -13.51 -5.77
C VAL A 235 10.05 -13.31 -5.60
N LEU A 236 9.58 -12.07 -5.74
CA LEU A 236 8.15 -11.79 -5.59
C LEU A 236 7.34 -12.47 -6.68
N GLU A 237 7.81 -12.41 -7.93
CA GLU A 237 7.09 -13.04 -9.02
C GLU A 237 7.04 -14.55 -8.85
N ALA A 238 8.10 -15.14 -8.30
CA ALA A 238 8.11 -16.59 -8.07
C ALA A 238 7.11 -17.00 -7.01
N LEU A 239 6.89 -16.15 -5.99
CA LEU A 239 5.92 -16.48 -4.96
C LEU A 239 4.49 -16.31 -5.46
N GLN A 240 4.25 -15.34 -6.35
CA GLN A 240 2.90 -15.16 -6.89
C GLN A 240 2.55 -16.28 -7.84
N ARG A 241 3.52 -16.77 -8.61
CA ARG A 241 3.27 -17.93 -9.48
C ARG A 241 3.09 -19.19 -8.66
N LEU A 242 3.86 -19.33 -7.57
CA LEU A 242 3.70 -20.49 -6.70
C LEU A 242 2.32 -20.51 -6.03
N GLU A 243 1.76 -19.32 -5.75
CA GLU A 243 0.42 -19.26 -5.18
C GLU A 243 -0.64 -19.61 -6.23
N GLU A 244 -0.39 -19.26 -7.50
CA GLU A 244 -1.34 -19.62 -8.55
C GLU A 244 -1.30 -21.10 -8.85
N ALA A 245 -0.11 -21.71 -8.84
CA ALA A 245 0.01 -23.13 -9.15
C ALA A 245 -0.48 -24.01 -8.00
N LYS A 246 -0.51 -23.49 -6.77
CA LYS A 246 -1.02 -24.28 -5.65
C LYS A 246 -2.55 -24.19 -5.57
N ARG A 247 -3.11 -23.03 -5.89
CA ARG A 247 -4.56 -22.88 -5.84
C ARG A 247 -5.24 -23.69 -6.94
N ARG A 248 -4.68 -23.67 -8.15
CA ARG A 248 -5.24 -24.43 -9.27
C ARG A 248 -4.16 -25.30 -9.90
N GLY A 249 -4.10 -25.31 -11.23
CA GLY A 249 -3.08 -26.07 -11.94
C GLY A 249 -3.26 -27.57 -11.80
N ASP A 250 -2.26 -28.30 -12.33
CA ASP A 250 -2.27 -29.76 -12.28
C ASP A 250 -0.97 -30.30 -11.70
N GLU A 251 -0.42 -29.62 -10.69
CA GLU A 251 0.82 -29.95 -9.99
C GLU A 251 2.04 -29.93 -10.90
N GLU A 252 1.90 -29.62 -12.19
CA GLU A 252 3.04 -29.63 -13.09
C GLU A 252 3.94 -28.42 -12.84
N GLU A 253 3.39 -27.22 -13.03
CA GLU A 253 4.15 -26.01 -12.79
C GLU A 253 4.35 -25.72 -11.30
N ARG A 254 3.61 -26.42 -10.42
CA ARG A 254 3.78 -26.22 -8.99
C ARG A 254 5.20 -26.56 -8.55
N ARG A 255 5.74 -27.68 -9.04
CA ARG A 255 7.12 -28.02 -8.74
C ARG A 255 8.09 -27.12 -9.50
N GLU A 256 7.66 -26.57 -10.64
CA GLU A 256 8.53 -25.69 -11.40
C GLU A 256 8.68 -24.33 -10.72
N ALA A 257 7.60 -23.81 -10.13
CA ALA A 257 7.67 -22.55 -9.41
C ALA A 257 8.48 -22.66 -8.13
N GLU A 258 8.63 -23.87 -7.58
CA GLU A 258 9.47 -24.04 -6.40
C GLU A 258 10.93 -23.79 -6.72
N GLU A 259 11.43 -24.34 -7.82
CA GLU A 259 12.80 -24.08 -8.24
C GLU A 259 12.98 -22.64 -8.72
N ARG A 260 11.92 -22.00 -9.18
CA ARG A 260 11.99 -20.57 -9.49
C ARG A 260 12.34 -19.77 -8.24
N LEU A 261 11.58 -19.95 -7.17
CA LEU A 261 11.87 -19.26 -5.92
C LEU A 261 13.19 -19.73 -5.33
N ARG A 262 13.56 -20.99 -5.56
CA ARG A 262 14.82 -21.52 -5.05
C ARG A 262 16.01 -20.89 -5.76
N GLN A 263 15.94 -20.81 -7.10
CA GLN A 263 17.03 -20.23 -7.86
C GLN A 263 17.07 -18.72 -7.71
N ALA A 264 15.91 -18.07 -7.54
CA ALA A 264 15.89 -16.62 -7.34
C ALA A 264 16.57 -16.24 -6.03
N CYS A 265 16.28 -16.97 -4.96
CA CYS A 265 16.95 -16.72 -3.69
C CYS A 265 18.40 -17.16 -3.70
N GLU A 266 18.78 -18.06 -4.62
CA GLU A 266 20.16 -18.53 -4.69
C GLU A 266 21.10 -17.42 -5.12
N ARG A 267 20.80 -16.75 -6.23
CA ARG A 267 21.63 -15.67 -6.73
C ARG A 267 21.46 -14.37 -5.95
N ALA A 268 20.59 -14.35 -4.94
CA ALA A 268 20.42 -13.18 -4.10
C ALA A 268 21.19 -13.25 -2.78
N ARG A 269 21.56 -14.46 -2.36
CA ARG A 269 22.31 -14.63 -1.11
C ARG A 269 23.81 -14.60 -1.37
#